data_4KCE
#
_entry.id   4KCE
#
_cell.length_a   132.485
_cell.length_b   132.485
_cell.length_c   44.627
_cell.angle_alpha   90.000
_cell.angle_beta   90.000
_cell.angle_gamma   90.000
#
_symmetry.space_group_name_H-M   'P 42 21 2'
#
_entity_poly.entity_id   1
_entity_poly.type   'polypeptide(L)'
_entity_poly.pdbx_seq_one_letter_code
;MGSSHHHHHHSSGLVPRGSHMRTATVRDPAPQFSGKAVVDGAIKEINSNDYKGKYIVLFFYPMDFTFVCPTEIIAFSDRY
LEFEKLNTQVIAVSCDSEYSHLAWVNTPRKKGGLGEMKIPVLADKSMEIARDYGVLIESAGIALRGLFVIDKKGTLRHST
INDLPVGRNVDEVLRVVEAFQYADENGDAIPCGWTPGKPTLDTKKAGEFFEKN
;
_entity_poly.pdbx_strand_id   A,B
#
# COMPACT_ATOMS: atom_id res chain seq x y z
N ALA A 24 1.08 -10.84 10.86
CA ALA A 24 0.06 -9.81 11.09
C ALA A 24 -0.17 -8.94 9.85
N THR A 25 -1.40 -8.98 9.31
CA THR A 25 -1.72 -8.18 8.14
C THR A 25 -3.06 -7.46 8.28
N VAL A 26 -3.61 -7.04 7.16
CA VAL A 26 -4.78 -6.15 7.15
C VAL A 26 -6.05 -6.87 7.63
N ARG A 27 -6.97 -6.08 8.18
CA ARG A 27 -8.16 -6.55 8.87
C ARG A 27 -7.84 -7.24 10.20
N ASP A 28 -6.57 -7.17 10.60
CA ASP A 28 -6.17 -7.66 11.92
C ASP A 28 -5.99 -6.47 12.86
N PRO A 29 -6.36 -6.65 14.14
CA PRO A 29 -6.08 -5.68 15.21
C PRO A 29 -4.61 -5.26 15.22
N ALA A 30 -4.37 -3.98 14.95
CA ALA A 30 -3.02 -3.47 14.71
C ALA A 30 -2.12 -3.58 15.94
N PRO A 31 -0.86 -3.99 15.72
CA PRO A 31 0.11 -4.22 16.82
C PRO A 31 0.26 -2.99 17.68
N GLN A 32 -0.02 -3.12 18.97
CA GLN A 32 0.10 -1.98 19.86
C GLN A 32 1.57 -1.54 19.99
N PHE A 33 1.77 -0.24 20.04
CA PHE A 33 3.11 0.31 20.17
C PHE A 33 3.21 1.39 21.25
N SER A 34 4.37 1.46 21.90
CA SER A 34 4.60 2.55 22.85
C SER A 34 6.07 2.99 22.80
N GLY A 35 6.38 4.08 23.49
CA GLY A 35 7.76 4.53 23.60
C GLY A 35 7.87 6.02 23.78
N LYS A 36 9.09 6.53 23.87
CA LYS A 36 9.27 7.97 23.99
C LYS A 36 9.46 8.67 22.65
N ALA A 37 8.67 9.71 22.45
CA ALA A 37 8.67 10.47 21.21
C ALA A 37 9.06 11.92 21.52
N VAL A 38 9.34 12.71 20.49
CA VAL A 38 9.53 14.14 20.65
C VAL A 38 8.27 14.88 20.20
N VAL A 39 7.58 15.50 21.15
CA VAL A 39 6.31 16.18 20.88
C VAL A 39 6.34 17.61 21.40
N ASP A 40 6.02 18.56 20.50
CA ASP A 40 6.05 19.99 20.82
C ASP A 40 7.42 20.34 21.38
N GLY A 41 8.45 19.76 20.76
CA GLY A 41 9.84 19.97 21.16
C GLY A 41 10.25 19.29 22.45
N ALA A 42 9.44 18.37 22.95
CA ALA A 42 9.74 17.72 24.21
C ALA A 42 9.54 16.20 24.15
N ILE A 43 10.28 15.49 24.99
CA ILE A 43 10.20 14.03 25.07
C ILE A 43 9.02 13.57 25.92
N LYS A 44 8.13 12.77 25.34
CA LYS A 44 6.97 12.27 26.05
C LYS A 44 6.73 10.77 25.77
N GLU A 45 6.37 10.01 26.80
CA GLU A 45 5.96 8.61 26.61
C GLU A 45 4.58 8.58 26.00
N ILE A 46 4.50 8.05 24.77
CA ILE A 46 3.21 7.86 24.11
C ILE A 46 2.94 6.39 23.82
N ASN A 47 1.66 6.03 23.81
CA ASN A 47 1.22 4.67 23.57
C ASN A 47 0.13 4.70 22.50
N SER A 48 -0.03 3.60 21.75
CA SER A 48 -1.05 3.56 20.72
C SER A 48 -2.44 3.64 21.37
N ASN A 49 -2.54 3.07 22.57
CA ASN A 49 -3.79 3.06 23.34
C ASN A 49 -4.21 4.45 23.80
N ASP A 50 -3.29 5.41 23.66
CA ASP A 50 -3.59 6.81 23.96
C ASP A 50 -4.39 7.46 22.84
N TYR A 51 -4.36 6.85 21.66
CA TYR A 51 -4.99 7.42 20.45
C TYR A 51 -6.29 6.74 20.02
N LYS A 52 -6.97 6.11 20.97
CA LYS A 52 -8.25 5.48 20.68
C LYS A 52 -9.28 6.57 20.36
N GLY A 53 -10.11 6.33 19.35
CA GLY A 53 -11.09 7.32 18.91
C GLY A 53 -10.60 8.19 17.76
N LYS A 54 -9.33 8.07 17.41
CA LYS A 54 -8.79 8.80 16.28
C LYS A 54 -8.06 7.82 15.38
N TYR A 55 -8.05 8.08 14.07
CA TYR A 55 -7.26 7.29 13.15
C TYR A 55 -5.79 7.55 13.39
N ILE A 56 -4.95 6.62 12.98
CA ILE A 56 -3.52 6.74 13.15
C ILE A 56 -2.81 6.45 11.84
N VAL A 57 -2.02 7.39 11.38
CA VAL A 57 -1.09 7.10 10.31
C VAL A 57 0.28 6.94 10.93
N LEU A 58 0.73 5.70 10.98
CA LEU A 58 2.03 5.39 11.53
C LEU A 58 2.98 5.16 10.36
N PHE A 59 4.02 5.98 10.25
CA PHE A 59 4.95 5.76 9.13
C PHE A 59 6.43 5.78 9.51
N PHE A 60 7.18 4.89 8.89
CA PHE A 60 8.56 4.64 9.27
C PHE A 60 9.54 5.42 8.40
N TYR A 61 10.42 6.19 9.02
CA TYR A 61 11.47 6.87 8.30
C TYR A 61 12.79 6.14 8.56
N PRO A 62 13.29 5.43 7.55
CA PRO A 62 14.56 4.69 7.64
C PRO A 62 15.77 5.61 7.81
N MET A 63 16.50 5.44 8.91
CA MET A 63 17.70 6.24 9.16
C MET A 63 18.89 5.64 8.45
N VAL A 68 19.38 10.06 1.93
CA VAL A 68 17.99 10.05 2.38
C VAL A 68 17.49 11.49 2.50
N CYS A 69 16.19 11.69 2.30
CA CYS A 69 15.64 13.04 2.33
C CYS A 69 14.54 13.21 3.38
N PRO A 70 14.68 14.20 4.27
CA PRO A 70 13.73 14.46 5.37
C PRO A 70 12.45 15.14 4.90
N THR A 71 12.45 15.58 3.65
CA THR A 71 11.31 16.29 3.10
C THR A 71 9.99 15.53 3.16
N GLU A 72 10.07 14.20 3.25
CA GLU A 72 8.88 13.35 3.37
C GLU A 72 8.16 13.56 4.71
N ILE A 73 8.90 13.32 5.78
CA ILE A 73 8.39 13.50 7.13
C ILE A 73 8.00 14.95 7.40
N ILE A 74 8.82 15.86 6.87
CA ILE A 74 8.52 17.28 6.96
C ILE A 74 7.20 17.59 6.26
N ALA A 75 7.00 16.97 5.11
CA ALA A 75 5.77 17.16 4.32
C ALA A 75 4.56 16.80 5.15
N PHE A 76 4.60 15.64 5.79
CA PHE A 76 3.48 15.29 6.64
C PHE A 76 3.27 16.35 7.72
N SER A 77 4.38 16.78 8.29
CA SER A 77 4.30 17.72 9.38
C SER A 77 3.60 18.98 8.90
N ASP A 78 3.86 19.40 7.66
CA ASP A 78 3.22 20.60 7.14
C ASP A 78 1.72 20.40 6.90
N ARG A 79 1.34 19.22 6.40
CA ARG A 79 -0.07 18.94 6.11
C ARG A 79 -0.83 18.43 7.36
N TYR A 80 -0.21 18.68 8.52
CA TYR A 80 -0.73 18.14 9.78
C TYR A 80 -2.17 18.57 10.08
N LEU A 81 -2.51 19.80 9.76
CA LEU A 81 -3.86 20.33 9.95
C LEU A 81 -4.92 19.60 9.14
N GLU A 82 -4.59 19.30 7.89
CA GLU A 82 -5.49 18.53 7.05
C GLU A 82 -5.73 17.20 7.68
N PHE A 83 -4.67 16.60 8.23
CA PHE A 83 -4.85 15.34 8.95
C PHE A 83 -5.71 15.49 10.20
N GLU A 84 -5.63 16.66 10.84
CA GLU A 84 -6.44 16.89 12.04
C GLU A 84 -7.90 17.13 11.71
N LYS A 85 -8.19 17.61 10.50
CA LYS A 85 -9.59 17.80 10.09
C LYS A 85 -10.31 16.45 10.12
N LEU A 86 -9.56 15.40 9.78
CA LEU A 86 -10.10 14.05 9.70
C LEU A 86 -9.93 13.25 10.99
N ASN A 87 -9.59 13.93 12.08
CA ASN A 87 -9.43 13.28 13.36
C ASN A 87 -8.44 12.12 13.28
N THR A 88 -7.30 12.36 12.64
CA THR A 88 -6.28 11.34 12.55
C THR A 88 -4.97 11.86 13.09
N GLN A 89 -4.18 10.97 13.64
CA GLN A 89 -2.89 11.33 14.19
C GLN A 89 -1.75 10.66 13.41
N VAL A 90 -0.92 11.51 12.81
CA VAL A 90 0.28 11.03 12.15
C VAL A 90 1.40 10.89 13.18
N ILE A 91 2.05 9.73 13.17
CA ILE A 91 3.20 9.49 14.03
C ILE A 91 4.33 8.93 13.20
N ALA A 92 5.45 9.65 13.12
CA ALA A 92 6.62 9.17 12.39
C ALA A 92 7.43 8.24 13.29
N VAL A 93 8.07 7.23 12.71
CA VAL A 93 8.85 6.31 13.52
C VAL A 93 10.25 6.11 12.96
N SER A 94 11.27 6.27 13.79
CA SER A 94 12.58 6.06 13.21
C SER A 94 13.50 5.22 14.10
N CYS A 95 14.44 4.54 13.44
CA CYS A 95 15.33 3.59 14.09
C CYS A 95 16.49 4.31 14.78
N ASP A 96 16.13 5.02 15.85
CA ASP A 96 17.06 5.89 16.56
C ASP A 96 16.48 6.41 17.87
N SER A 97 17.35 7.01 18.68
CA SER A 97 17.00 7.43 20.04
C SER A 97 16.15 8.68 20.13
N GLU A 98 15.48 8.86 21.26
CA GLU A 98 14.66 10.04 21.47
C GLU A 98 15.52 11.30 21.61
N TYR A 99 16.75 11.14 22.11
CA TYR A 99 17.61 12.30 22.35
C TYR A 99 18.15 12.83 21.04
N SER A 100 18.53 11.92 20.15
CA SER A 100 18.99 12.29 18.82
C SER A 100 17.83 12.79 17.97
N HIS A 101 16.63 12.29 18.25
CA HIS A 101 15.45 12.82 17.57
C HIS A 101 15.20 14.27 18.03
N LEU A 102 15.47 14.52 19.30
CA LEU A 102 15.39 15.89 19.83
C LEU A 102 16.47 16.75 19.15
N ALA A 103 17.68 16.20 19.06
CA ALA A 103 18.77 16.87 18.39
C ALA A 103 18.40 17.21 16.94
N TRP A 104 17.57 16.36 16.35
CA TRP A 104 17.17 16.50 14.96
C TRP A 104 16.13 17.60 14.82
N VAL A 105 15.16 17.62 15.74
CA VAL A 105 14.18 18.70 15.83
C VAL A 105 14.85 20.03 16.20
N ASN A 106 15.84 19.96 17.10
CA ASN A 106 16.62 21.13 17.42
C ASN A 106 17.68 21.46 16.37
N THR A 107 17.35 21.24 15.10
CA THR A 107 18.19 21.61 13.97
C THR A 107 17.33 22.31 12.92
N PRO A 108 17.79 23.45 12.39
CA PRO A 108 17.04 24.12 11.32
C PRO A 108 16.91 23.26 10.05
N ARG A 109 15.78 23.35 9.36
CA ARG A 109 15.60 22.52 8.17
C ARG A 109 16.66 22.79 7.11
N LYS A 110 17.25 23.98 7.15
CA LYS A 110 18.27 24.39 6.19
C LYS A 110 19.58 23.62 6.32
N LYS A 111 19.71 22.86 7.41
CA LYS A 111 20.90 22.04 7.64
C LYS A 111 20.61 20.57 7.54
N GLY A 112 19.39 20.23 7.15
CA GLY A 112 18.97 18.85 7.04
C GLY A 112 18.16 18.38 8.23
N GLY A 113 18.05 19.21 9.26
CA GLY A 113 17.31 18.84 10.46
C GLY A 113 15.81 19.01 10.28
N LEU A 114 15.05 18.74 11.33
CA LEU A 114 13.60 18.70 11.17
C LEU A 114 12.89 20.02 11.48
N GLY A 115 13.51 20.84 12.33
CA GLY A 115 12.91 22.11 12.72
C GLY A 115 11.63 21.88 13.50
N GLU A 116 10.72 22.84 13.45
CA GLU A 116 9.51 22.76 14.26
C GLU A 116 8.52 21.73 13.69
N MET A 117 8.40 20.59 14.36
CA MET A 117 7.53 19.49 13.93
C MET A 117 6.16 19.55 14.58
N LYS A 118 5.13 19.23 13.81
CA LYS A 118 3.75 19.27 14.31
C LYS A 118 3.15 17.86 14.45
N ILE A 119 3.96 16.84 14.17
CA ILE A 119 3.54 15.47 14.41
C ILE A 119 4.63 14.82 15.24
N PRO A 120 4.26 13.87 16.11
CA PRO A 120 5.25 13.22 16.98
C PRO A 120 6.26 12.33 16.25
N VAL A 121 7.50 12.42 16.70
CA VAL A 121 8.58 11.62 16.16
C VAL A 121 9.02 10.60 17.20
N LEU A 122 8.62 9.37 16.97
CA LEU A 122 8.85 8.29 17.91
C LEU A 122 10.17 7.56 17.69
N ALA A 123 10.84 7.29 18.82
CA ALA A 123 12.13 6.61 18.85
C ALA A 123 11.95 5.11 18.87
N ASP A 124 12.77 4.39 18.11
CA ASP A 124 12.71 2.92 18.07
C ASP A 124 14.09 2.29 17.83
N LYS A 125 15.03 2.56 18.72
CA LYS A 125 16.41 2.10 18.56
C LYS A 125 16.44 0.58 18.59
N SER A 126 15.54 0.01 19.38
CA SER A 126 15.41 -1.43 19.52
C SER A 126 14.78 -2.09 18.30
N MET A 127 14.12 -1.28 17.47
CA MET A 127 13.47 -1.75 16.25
C MET A 127 12.39 -2.79 16.49
N GLU A 128 11.87 -2.87 17.70
CA GLU A 128 10.82 -3.84 18.03
C GLU A 128 9.50 -3.47 17.35
N ILE A 129 9.28 -2.18 17.14
CA ILE A 129 8.08 -1.73 16.43
C ILE A 129 8.15 -2.07 14.94
N ALA A 130 9.34 -1.93 14.36
CA ALA A 130 9.56 -2.25 12.95
C ALA A 130 9.31 -3.72 12.66
N ARG A 131 9.76 -4.56 13.60
CA ARG A 131 9.56 -5.99 13.48
C ARG A 131 8.08 -6.26 13.65
N ASP A 132 7.47 -5.67 14.67
CA ASP A 132 6.04 -5.86 14.93
C ASP A 132 5.17 -5.49 13.74
N TYR A 133 5.73 -4.67 12.85
CA TYR A 133 5.01 -4.23 11.66
C TYR A 133 5.55 -4.83 10.36
N GLY A 134 6.59 -5.66 10.50
CA GLY A 134 7.11 -6.43 9.37
C GLY A 134 7.74 -5.63 8.26
N VAL A 135 8.35 -4.51 8.63
CA VAL A 135 9.04 -3.66 7.66
C VAL A 135 10.53 -3.63 8.00
N LEU A 136 10.92 -4.43 8.99
CA LEU A 136 12.32 -4.51 9.39
C LEU A 136 13.07 -5.49 8.50
N ILE A 137 14.19 -5.05 7.92
CA ILE A 137 15.05 -5.95 7.16
C ILE A 137 16.02 -6.69 8.09
N GLU A 138 15.66 -7.91 8.49
CA GLU A 138 16.50 -8.70 9.40
C GLU A 138 17.78 -9.22 8.74
N SER A 139 18.48 -8.32 8.05
CA SER A 139 19.78 -8.62 7.48
C SER A 139 20.61 -7.35 7.42
N ALA A 140 19.96 -6.26 7.01
CA ALA A 140 20.61 -4.96 6.88
C ALA A 140 20.52 -4.09 8.13
N GLY A 141 19.59 -4.43 9.02
CA GLY A 141 19.38 -3.66 10.24
C GLY A 141 18.74 -2.31 9.99
N ILE A 142 17.90 -2.27 8.95
CA ILE A 142 17.21 -1.04 8.53
C ILE A 142 15.74 -1.35 8.24
N ALA A 143 14.89 -0.32 8.32
CA ALA A 143 13.47 -0.50 8.05
C ALA A 143 13.10 -0.05 6.64
N LEU A 144 12.14 -0.74 6.03
CA LEU A 144 11.60 -0.32 4.75
C LEU A 144 10.66 0.84 5.01
N ARG A 145 10.36 1.62 3.99
CA ARG A 145 9.41 2.71 4.14
C ARG A 145 8.00 2.18 4.31
N GLY A 146 7.62 1.82 5.53
CA GLY A 146 6.28 1.31 5.75
C GLY A 146 5.30 2.39 6.21
N LEU A 147 4.09 2.35 5.68
CA LEU A 147 3.06 3.26 6.14
C LEU A 147 1.78 2.50 6.50
N PHE A 148 1.16 2.85 7.62
CA PHE A 148 0.01 2.07 8.11
C PHE A 148 -1.13 2.93 8.61
N VAL A 149 -2.32 2.63 8.10
CA VAL A 149 -3.54 3.30 8.57
C VAL A 149 -4.29 2.43 9.57
N ILE A 150 -4.55 2.99 10.74
CA ILE A 150 -5.23 2.27 11.80
C ILE A 150 -6.52 3.04 12.10
N ASP A 151 -7.65 2.33 12.17
CA ASP A 151 -8.93 3.00 12.43
C ASP A 151 -9.25 3.26 13.91
N LYS A 152 -10.49 3.67 14.17
CA LYS A 152 -10.90 4.13 15.50
C LYS A 152 -11.03 2.96 16.49
N LYS A 153 -11.08 1.75 15.95
CA LYS A 153 -11.15 0.55 16.79
C LYS A 153 -9.81 -0.14 16.87
N GLY A 154 -8.77 0.52 16.36
CA GLY A 154 -7.43 0.00 16.50
C GLY A 154 -7.07 -1.12 15.55
N THR A 155 -7.81 -1.23 14.43
CA THR A 155 -7.52 -2.25 13.42
C THR A 155 -6.80 -1.74 12.16
N LEU A 156 -6.00 -2.62 11.56
CA LEU A 156 -5.21 -2.29 10.38
C LEU A 156 -6.12 -2.19 9.16
N ARG A 157 -6.11 -1.04 8.50
CA ARG A 157 -6.98 -0.81 7.35
C ARG A 157 -6.20 -0.69 6.05
N HIS A 158 -4.96 -0.26 6.15
CA HIS A 158 -4.14 -0.06 4.96
C HIS A 158 -2.67 -0.30 5.30
N SER A 159 -1.94 -0.83 4.33
CA SER A 159 -0.48 -0.89 4.48
C SER A 159 0.22 -0.67 3.15
N THR A 160 0.87 0.47 3.04
CA THR A 160 1.78 0.77 1.95
C THR A 160 3.14 0.39 2.46
N ILE A 161 3.93 -0.32 1.67
CA ILE A 161 5.33 -0.56 2.00
C ILE A 161 6.18 -0.37 0.74
N ASN A 162 7.16 0.54 0.79
CA ASN A 162 8.05 0.82 -0.34
C ASN A 162 9.50 0.40 -0.09
N ASP A 163 10.23 0.08 -1.15
CA ASP A 163 11.66 -0.11 -1.05
C ASP A 163 12.26 1.26 -0.77
N LEU A 164 13.44 1.30 -0.15
CA LEU A 164 14.04 2.54 0.36
C LEU A 164 14.07 3.80 -0.56
N PRO A 165 14.36 3.63 -1.87
CA PRO A 165 14.48 4.81 -2.74
C PRO A 165 13.20 5.59 -3.03
N VAL A 166 12.02 5.02 -2.77
CA VAL A 166 10.79 5.70 -3.17
C VAL A 166 9.97 6.25 -2.02
N GLY A 167 9.78 7.57 -2.03
CA GLY A 167 8.99 8.25 -1.02
C GLY A 167 7.49 8.08 -1.16
N ARG A 168 6.77 8.61 -0.19
CA ARG A 168 5.32 8.45 -0.09
C ARG A 168 4.60 9.77 -0.40
N ASN A 169 3.32 9.68 -0.75
CA ASN A 169 2.56 10.88 -1.13
C ASN A 169 1.43 11.20 -0.14
N VAL A 170 1.41 12.43 0.37
CA VAL A 170 0.44 12.82 1.39
C VAL A 170 -0.99 12.83 0.90
N ASP A 171 -1.19 13.36 -0.31
CA ASP A 171 -2.50 13.39 -0.95
C ASP A 171 -3.12 11.99 -1.04
N GLU A 172 -2.30 11.00 -1.36
CA GLU A 172 -2.81 9.64 -1.42
C GLU A 172 -3.20 9.14 -0.03
N VAL A 173 -2.38 9.42 0.97
CA VAL A 173 -2.70 9.00 2.34
C VAL A 173 -4.01 9.65 2.82
N LEU A 174 -4.15 10.95 2.58
CA LEU A 174 -5.37 11.66 2.91
C LEU A 174 -6.57 11.02 2.19
N ARG A 175 -6.39 10.67 0.91
CA ARG A 175 -7.44 9.96 0.14
C ARG A 175 -7.89 8.64 0.80
N VAL A 176 -6.91 7.81 1.16
CA VAL A 176 -7.20 6.53 1.82
C VAL A 176 -7.94 6.76 3.14
N VAL A 177 -7.45 7.71 3.93
CA VAL A 177 -8.06 7.96 5.23
C VAL A 177 -9.51 8.44 5.11
N GLU A 178 -9.76 9.40 4.23
CA GLU A 178 -11.11 9.92 4.08
C GLU A 178 -12.05 8.87 3.51
N ALA A 179 -11.51 8.01 2.64
CA ALA A 179 -12.32 6.91 2.08
C ALA A 179 -12.73 5.90 3.16
N PHE A 180 -11.76 5.46 3.96
CA PHE A 180 -12.04 4.54 5.06
C PHE A 180 -13.00 5.15 6.07
N GLN A 181 -12.89 6.46 6.27
CA GLN A 181 -13.82 7.16 7.15
C GLN A 181 -15.24 7.12 6.59
N TYR A 182 -15.39 7.46 5.30
CA TYR A 182 -16.71 7.46 4.67
C TYR A 182 -17.32 6.06 4.71
N ALA A 183 -16.47 5.04 4.53
CA ALA A 183 -16.90 3.65 4.63
C ALA A 183 -17.44 3.35 6.04
N ASP A 184 -16.63 3.61 7.05
CA ASP A 184 -17.04 3.35 8.44
C ASP A 184 -18.32 4.10 8.81
N GLU A 185 -18.53 5.24 8.17
CA GLU A 185 -19.75 6.02 8.39
C GLU A 185 -20.92 5.48 7.58
N ASN A 186 -20.68 5.23 6.30
CA ASN A 186 -21.74 4.75 5.41
C ASN A 186 -21.75 3.22 5.22
N GLY A 187 -21.64 2.48 6.33
CA GLY A 187 -21.84 1.05 6.32
C GLY A 187 -20.79 0.24 5.59
N ASP A 188 -19.54 0.68 5.66
CA ASP A 188 -18.39 -0.07 5.11
C ASP A 188 -18.47 -0.31 3.60
N ALA A 189 -19.16 0.57 2.89
CA ALA A 189 -19.30 0.47 1.44
C ALA A 189 -19.18 1.84 0.78
N ILE A 190 -18.26 1.95 -0.19
CA ILE A 190 -18.04 3.20 -0.90
C ILE A 190 -18.70 3.19 -2.27
N PRO A 191 -19.47 4.24 -2.59
CA PRO A 191 -20.12 4.44 -3.89
C PRO A 191 -19.17 4.23 -5.06
N CYS A 192 -19.71 3.76 -6.18
CA CYS A 192 -18.89 3.42 -7.34
C CYS A 192 -18.35 4.65 -8.07
N GLY A 193 -17.19 5.12 -7.64
CA GLY A 193 -16.57 6.32 -8.18
C GLY A 193 -16.61 7.50 -7.21
N TRP A 194 -15.73 7.46 -6.21
CA TRP A 194 -15.76 8.45 -5.13
C TRP A 194 -14.72 9.57 -5.29
N THR A 195 -14.73 10.52 -4.36
CA THR A 195 -13.85 11.68 -4.43
C THR A 195 -12.97 11.79 -3.20
N ALA B 24 7.25 -13.47 3.42
CA ALA B 24 7.77 -12.84 2.21
C ALA B 24 7.43 -11.36 2.12
N THR B 25 8.46 -10.52 2.05
CA THR B 25 8.28 -9.06 2.00
C THR B 25 9.10 -8.38 0.89
N VAL B 26 9.23 -7.06 0.96
CA VAL B 26 9.85 -6.27 -0.10
C VAL B 26 11.36 -6.51 -0.18
N ARG B 27 11.93 -6.27 -1.36
CA ARG B 27 13.33 -6.59 -1.70
C ARG B 27 13.56 -8.09 -1.86
N ASP B 28 12.48 -8.86 -1.87
CA ASP B 28 12.58 -10.30 -2.13
C ASP B 28 12.15 -10.64 -3.55
N PRO B 29 12.83 -11.61 -4.17
CA PRO B 29 12.40 -12.19 -5.44
C PRO B 29 10.94 -12.57 -5.32
N ALA B 30 10.10 -11.97 -6.18
CA ALA B 30 8.67 -12.13 -6.08
C ALA B 30 8.21 -13.59 -6.28
N PRO B 31 7.17 -13.99 -5.52
CA PRO B 31 6.58 -15.33 -5.64
C PRO B 31 6.16 -15.61 -7.09
N GLN B 32 6.61 -16.74 -7.63
CA GLN B 32 6.28 -17.08 -9.00
C GLN B 32 4.78 -17.28 -9.17
N PHE B 33 4.24 -16.77 -10.27
CA PHE B 33 2.84 -17.03 -10.59
C PHE B 33 2.71 -17.43 -12.07
N SER B 34 1.80 -18.36 -12.31
CA SER B 34 1.52 -18.83 -13.66
C SER B 34 0.05 -19.21 -13.72
N GLY B 35 -0.44 -19.54 -14.91
CA GLY B 35 -1.82 -20.00 -15.00
C GLY B 35 -2.51 -19.64 -16.29
N LYS B 36 -3.80 -19.95 -16.34
CA LYS B 36 -4.61 -19.57 -17.49
C LYS B 36 -5.22 -18.18 -17.27
N ALA B 37 -5.00 -17.29 -18.22
CA ALA B 37 -5.54 -15.94 -18.13
C ALA B 37 -6.41 -15.63 -19.34
N VAL B 38 -7.18 -14.57 -19.25
CA VAL B 38 -7.88 -14.07 -20.41
C VAL B 38 -7.03 -12.94 -20.97
N VAL B 39 -6.47 -13.18 -22.14
CA VAL B 39 -5.59 -12.23 -22.80
C VAL B 39 -6.15 -11.92 -24.17
N ASP B 40 -6.37 -10.64 -24.45
CA ASP B 40 -6.93 -10.21 -25.74
C ASP B 40 -8.27 -10.86 -26.08
N GLY B 41 -9.11 -11.02 -25.07
CA GLY B 41 -10.40 -11.66 -25.26
C GLY B 41 -10.33 -13.17 -25.45
N ALA B 42 -9.17 -13.76 -25.17
CA ALA B 42 -8.95 -15.19 -25.33
C ALA B 42 -8.18 -15.80 -24.14
N ILE B 43 -8.39 -17.09 -23.90
CA ILE B 43 -7.70 -17.81 -22.84
C ILE B 43 -6.29 -18.24 -23.25
N LYS B 44 -5.28 -17.71 -22.57
CA LYS B 44 -3.88 -18.02 -22.86
C LYS B 44 -3.11 -18.30 -21.58
N GLU B 45 -2.18 -19.25 -21.63
CA GLU B 45 -1.29 -19.53 -20.51
C GLU B 45 -0.19 -18.46 -20.36
N ILE B 46 -0.20 -17.78 -19.21
CA ILE B 46 0.85 -16.82 -18.91
C ILE B 46 1.65 -17.24 -17.68
N ASN B 47 2.93 -16.85 -17.68
CA ASN B 47 3.84 -17.15 -16.58
C ASN B 47 4.55 -15.87 -16.15
N SER B 48 4.97 -15.78 -14.89
CA SER B 48 5.63 -14.56 -14.43
C SER B 48 6.98 -14.40 -15.16
N ASN B 49 7.64 -15.52 -15.44
CA ASN B 49 8.95 -15.50 -16.09
C ASN B 49 8.86 -14.98 -17.53
N ASP B 50 7.63 -14.88 -18.03
CA ASP B 50 7.39 -14.37 -19.37
C ASP B 50 7.56 -12.87 -19.44
N TYR B 51 7.50 -12.21 -18.29
CA TYR B 51 7.51 -10.76 -18.29
C TYR B 51 8.80 -10.12 -17.80
N LYS B 52 9.90 -10.87 -17.83
CA LYS B 52 11.18 -10.28 -17.47
C LYS B 52 11.69 -9.29 -18.52
N GLY B 53 12.28 -8.20 -18.03
CA GLY B 53 12.68 -7.08 -18.88
C GLY B 53 11.62 -6.00 -18.85
N LYS B 54 10.50 -6.32 -18.21
CA LYS B 54 9.40 -5.39 -18.01
C LYS B 54 9.02 -5.37 -16.54
N TYR B 55 8.50 -4.23 -16.09
CA TYR B 55 7.90 -4.14 -14.77
C TYR B 55 6.57 -4.89 -14.78
N ILE B 56 6.12 -5.30 -13.61
CA ILE B 56 4.86 -6.01 -13.48
C ILE B 56 4.03 -5.36 -12.38
N VAL B 57 2.81 -4.93 -12.72
CA VAL B 57 1.88 -4.53 -11.65
C VAL B 57 0.88 -5.66 -11.45
N LEU B 58 1.07 -6.40 -10.36
CA LEU B 58 0.21 -7.52 -10.06
C LEU B 58 -0.84 -7.04 -9.07
N PHE B 59 -2.10 -7.04 -9.48
CA PHE B 59 -3.09 -6.59 -8.53
C PHE B 59 -4.33 -7.47 -8.46
N PHE B 60 -4.84 -7.64 -7.25
CA PHE B 60 -5.93 -8.53 -6.97
C PHE B 60 -7.27 -7.82 -6.91
N TYR B 61 -8.19 -8.23 -7.76
CA TYR B 61 -9.53 -7.69 -7.71
C TYR B 61 -10.50 -8.68 -7.10
N PRO B 62 -10.94 -8.41 -5.86
CA PRO B 62 -11.92 -9.25 -5.19
C PRO B 62 -13.29 -9.19 -5.88
N MET B 63 -13.76 -10.31 -6.43
CA MET B 63 -15.07 -10.30 -7.05
C MET B 63 -16.12 -10.51 -5.99
N ASP B 64 -15.84 -11.44 -5.07
CA ASP B 64 -16.83 -11.92 -4.12
C ASP B 64 -17.16 -10.91 -3.02
N PHE B 65 -16.58 -9.73 -3.12
CA PHE B 65 -16.91 -8.63 -2.23
C PHE B 65 -18.25 -8.07 -2.65
N THR B 66 -19.26 -8.25 -1.79
CA THR B 66 -20.64 -7.89 -2.14
C THR B 66 -20.82 -6.45 -2.62
N PHE B 67 -19.89 -5.57 -2.25
CA PHE B 67 -19.94 -4.17 -2.66
C PHE B 67 -18.74 -3.75 -3.51
N VAL B 68 -18.23 -4.67 -4.33
CA VAL B 68 -17.09 -4.33 -5.17
C VAL B 68 -17.53 -3.58 -6.42
N CYS B 69 -16.66 -2.67 -6.87
CA CYS B 69 -16.93 -1.89 -8.07
C CYS B 69 -15.88 -2.17 -9.13
N PRO B 70 -16.34 -2.45 -10.36
CA PRO B 70 -15.42 -2.78 -11.45
C PRO B 70 -14.71 -1.54 -11.98
N THR B 71 -15.14 -0.35 -11.56
CA THR B 71 -14.57 0.90 -12.07
C THR B 71 -13.07 0.97 -11.85
N GLU B 72 -12.60 0.27 -10.82
CA GLU B 72 -11.20 0.23 -10.49
C GLU B 72 -10.38 -0.48 -11.57
N ILE B 73 -10.72 -1.76 -11.77
CA ILE B 73 -10.03 -2.59 -12.76
C ILE B 73 -10.29 -2.06 -14.19
N ILE B 74 -11.47 -1.51 -14.42
CA ILE B 74 -11.76 -0.87 -15.71
C ILE B 74 -10.80 0.30 -15.93
N ALA B 75 -10.59 1.08 -14.88
CA ALA B 75 -9.65 2.19 -14.94
C ALA B 75 -8.28 1.70 -15.38
N PHE B 76 -7.79 0.67 -14.68
CA PHE B 76 -6.48 0.12 -15.01
C PHE B 76 -6.44 -0.31 -16.47
N SER B 77 -7.55 -0.89 -16.94
CA SER B 77 -7.64 -1.33 -18.33
C SER B 77 -7.47 -0.16 -19.30
N ASP B 78 -8.04 0.98 -18.92
CA ASP B 78 -8.03 2.14 -19.80
C ASP B 78 -6.64 2.79 -19.88
N ARG B 79 -5.94 2.86 -18.75
CA ARG B 79 -4.66 3.55 -18.68
C ARG B 79 -3.49 2.66 -19.10
N TYR B 80 -3.81 1.59 -19.81
CA TYR B 80 -2.82 0.58 -20.14
C TYR B 80 -1.71 1.16 -21.01
N LEU B 81 -2.07 2.12 -21.87
CA LEU B 81 -1.08 2.76 -22.74
C LEU B 81 -0.03 3.47 -21.92
N GLU B 82 -0.49 4.18 -20.88
CA GLU B 82 0.38 4.85 -19.93
C GLU B 82 1.29 3.86 -19.22
N PHE B 83 0.76 2.68 -18.89
CA PHE B 83 1.63 1.65 -18.34
C PHE B 83 2.66 1.09 -19.35
N GLU B 84 2.26 1.02 -20.62
CA GLU B 84 3.10 0.50 -21.70
C GLU B 84 4.19 1.49 -22.11
N LYS B 85 3.96 2.78 -21.88
CA LYS B 85 4.98 3.76 -22.14
C LYS B 85 6.13 3.48 -21.18
N LEU B 86 5.79 3.00 -19.99
CA LEU B 86 6.77 2.75 -18.94
C LEU B 86 7.29 1.30 -18.93
N ASN B 87 7.02 0.56 -19.99
CA ASN B 87 7.42 -0.84 -20.10
C ASN B 87 6.95 -1.70 -18.93
N THR B 88 5.69 -1.55 -18.52
CA THR B 88 5.17 -2.33 -17.42
C THR B 88 3.93 -3.10 -17.85
N GLN B 89 3.74 -4.27 -17.26
CA GLN B 89 2.61 -5.12 -17.60
C GLN B 89 1.68 -5.21 -16.40
N VAL B 90 0.48 -4.65 -16.51
CA VAL B 90 -0.50 -4.81 -15.44
C VAL B 90 -1.20 -6.13 -15.62
N ILE B 91 -1.25 -6.90 -14.55
CA ILE B 91 -1.96 -8.17 -14.54
C ILE B 91 -2.94 -8.21 -13.40
N ALA B 92 -4.22 -8.34 -13.71
CA ALA B 92 -5.20 -8.50 -12.66
C ALA B 92 -5.25 -9.97 -12.25
N VAL B 93 -5.54 -10.24 -11.00
CA VAL B 93 -5.70 -11.60 -10.51
C VAL B 93 -7.04 -11.67 -9.82
N SER B 94 -7.86 -12.64 -10.17
CA SER B 94 -9.16 -12.67 -9.51
C SER B 94 -9.54 -14.09 -9.05
N CYS B 95 -10.35 -14.15 -8.00
CA CYS B 95 -10.65 -15.43 -7.33
C CYS B 95 -11.71 -16.29 -8.03
N ASP B 96 -11.32 -16.84 -9.19
CA ASP B 96 -12.13 -17.73 -10.02
C ASP B 96 -11.35 -18.25 -11.25
N SER B 97 -11.96 -19.19 -11.99
CA SER B 97 -11.35 -19.84 -13.16
C SER B 97 -11.36 -19.04 -14.47
N GLU B 98 -10.46 -19.43 -15.37
CA GLU B 98 -10.25 -18.75 -16.65
C GLU B 98 -11.53 -18.72 -17.48
N TYR B 99 -12.39 -19.72 -17.26
CA TYR B 99 -13.67 -19.81 -17.91
C TYR B 99 -14.63 -18.76 -17.35
N SER B 100 -14.59 -18.52 -16.04
CA SER B 100 -15.45 -17.49 -15.48
C SER B 100 -14.94 -16.12 -15.85
N HIS B 101 -13.64 -15.99 -15.97
CA HIS B 101 -13.04 -14.72 -16.33
C HIS B 101 -13.37 -14.39 -17.77
N LEU B 102 -13.41 -15.43 -18.60
CA LEU B 102 -13.82 -15.24 -19.99
C LEU B 102 -15.29 -14.83 -20.02
N ALA B 103 -16.11 -15.52 -19.24
CA ALA B 103 -17.53 -15.18 -19.16
C ALA B 103 -17.74 -13.74 -18.68
N TRP B 104 -16.81 -13.30 -17.84
CA TRP B 104 -16.85 -11.99 -17.21
C TRP B 104 -16.52 -10.92 -18.22
N VAL B 105 -15.46 -11.18 -18.98
CA VAL B 105 -15.10 -10.31 -20.08
C VAL B 105 -16.23 -10.31 -21.10
N ASN B 106 -16.77 -11.48 -21.42
CA ASN B 106 -17.84 -11.57 -22.41
C ASN B 106 -19.20 -11.15 -21.87
N THR B 107 -19.21 -10.18 -20.97
CA THR B 107 -20.46 -9.62 -20.50
C THR B 107 -20.35 -8.10 -20.56
N PRO B 108 -21.33 -7.44 -21.20
CA PRO B 108 -21.32 -5.98 -21.28
C PRO B 108 -21.29 -5.30 -19.90
N ARG B 109 -20.60 -4.17 -19.82
CA ARG B 109 -20.46 -3.45 -18.55
C ARG B 109 -21.82 -2.96 -18.06
N LYS B 110 -22.68 -2.58 -19.00
CA LYS B 110 -24.02 -2.13 -18.65
C LYS B 110 -24.87 -3.31 -18.20
N LYS B 111 -24.30 -4.51 -18.29
CA LYS B 111 -24.93 -5.72 -17.76
C LYS B 111 -24.13 -6.31 -16.58
N GLY B 112 -23.15 -5.56 -16.09
CA GLY B 112 -22.35 -5.97 -14.95
C GLY B 112 -20.96 -6.57 -15.21
N GLY B 113 -20.68 -6.87 -16.48
CA GLY B 113 -19.39 -7.43 -16.87
C GLY B 113 -18.28 -6.39 -17.06
N LEU B 114 -17.15 -6.87 -17.57
CA LEU B 114 -15.94 -6.07 -17.75
C LEU B 114 -15.80 -5.50 -19.15
N GLY B 115 -16.49 -6.10 -20.12
CA GLY B 115 -16.34 -5.69 -21.49
C GLY B 115 -14.89 -5.95 -21.92
N GLU B 116 -14.41 -5.15 -22.87
CA GLU B 116 -13.06 -5.34 -23.40
C GLU B 116 -12.01 -4.93 -22.36
N MET B 117 -11.23 -5.90 -21.88
CA MET B 117 -10.14 -5.61 -20.97
C MET B 117 -8.83 -5.56 -21.75
N LYS B 118 -7.95 -4.63 -21.39
CA LYS B 118 -6.68 -4.43 -22.10
C LYS B 118 -5.49 -4.97 -21.30
N ILE B 119 -5.78 -5.58 -20.16
CA ILE B 119 -4.77 -6.26 -19.36
C ILE B 119 -5.25 -7.69 -19.10
N PRO B 120 -4.32 -8.64 -18.99
CA PRO B 120 -4.69 -10.03 -18.71
C PRO B 120 -5.33 -10.20 -17.34
N VAL B 121 -6.31 -11.08 -17.28
CA VAL B 121 -6.96 -11.45 -16.04
C VAL B 121 -6.62 -12.90 -15.73
N LEU B 122 -5.78 -13.09 -14.72
CA LEU B 122 -5.29 -14.38 -14.29
C LEU B 122 -6.25 -15.03 -13.32
N ALA B 123 -6.42 -16.35 -13.52
CA ALA B 123 -7.30 -17.17 -12.69
C ALA B 123 -6.65 -17.62 -11.37
N ASP B 124 -7.41 -17.52 -10.28
CA ASP B 124 -6.92 -17.92 -8.97
C ASP B 124 -8.05 -18.51 -8.12
N LYS B 125 -8.60 -19.63 -8.57
CA LYS B 125 -9.65 -20.34 -7.87
C LYS B 125 -9.11 -21.05 -6.62
N SER B 126 -7.89 -21.59 -6.76
CA SER B 126 -7.20 -22.28 -5.68
C SER B 126 -6.64 -21.29 -4.65
N MET B 127 -6.55 -20.03 -5.07
CA MET B 127 -6.07 -18.94 -4.23
C MET B 127 -4.64 -19.19 -3.75
N GLU B 128 -3.92 -20.05 -4.47
CA GLU B 128 -2.52 -20.34 -4.18
C GLU B 128 -1.66 -19.14 -4.53
N ILE B 129 -2.08 -18.38 -5.55
CA ILE B 129 -1.39 -17.15 -5.94
C ILE B 129 -1.67 -16.07 -4.90
N ALA B 130 -2.92 -16.03 -4.42
CA ALA B 130 -3.29 -15.10 -3.37
C ALA B 130 -2.57 -15.42 -2.06
N ARG B 131 -2.43 -16.72 -1.76
CA ARG B 131 -1.74 -17.17 -0.55
C ARG B 131 -0.25 -16.85 -0.67
N ASP B 132 0.31 -17.09 -1.84
CA ASP B 132 1.73 -16.82 -2.10
C ASP B 132 2.09 -15.35 -1.88
N TYR B 133 1.11 -14.46 -1.99
CA TYR B 133 1.35 -13.03 -1.81
C TYR B 133 0.80 -12.51 -0.48
N GLY B 134 0.25 -13.41 0.31
CA GLY B 134 -0.22 -13.10 1.64
C GLY B 134 -1.41 -12.17 1.69
N VAL B 135 -2.31 -12.29 0.72
CA VAL B 135 -3.48 -11.42 0.70
C VAL B 135 -4.78 -12.18 0.91
N LEU B 136 -4.70 -13.48 1.15
CA LEU B 136 -5.92 -14.25 1.35
C LEU B 136 -6.48 -14.11 2.76
N ILE B 137 -7.77 -13.73 2.81
CA ILE B 137 -8.51 -13.75 4.07
C ILE B 137 -9.06 -15.16 4.26
N GLU B 138 -8.32 -15.96 5.01
CA GLU B 138 -8.66 -17.36 5.22
C GLU B 138 -9.90 -17.56 6.09
N SER B 139 -10.96 -16.80 5.81
CA SER B 139 -12.24 -16.94 6.49
C SER B 139 -13.36 -16.52 5.53
N ALA B 140 -13.08 -15.47 4.77
CA ALA B 140 -14.03 -14.96 3.79
C ALA B 140 -13.81 -15.59 2.41
N GLY B 141 -12.64 -16.19 2.22
CA GLY B 141 -12.30 -16.86 0.98
C GLY B 141 -12.12 -15.85 -0.13
N ILE B 142 -11.66 -14.67 0.26
CA ILE B 142 -11.51 -13.56 -0.64
C ILE B 142 -10.14 -12.96 -0.37
N ALA B 143 -9.59 -12.24 -1.33
CA ALA B 143 -8.29 -11.61 -1.14
C ALA B 143 -8.44 -10.11 -0.88
N LEU B 144 -7.50 -9.54 -0.14
CA LEU B 144 -7.51 -8.11 0.11
C LEU B 144 -7.07 -7.40 -1.16
N ARG B 145 -7.47 -6.13 -1.32
CA ARG B 145 -7.05 -5.39 -2.49
C ARG B 145 -5.56 -5.15 -2.42
N GLY B 146 -4.79 -6.13 -2.87
CA GLY B 146 -3.35 -6.03 -2.88
C GLY B 146 -2.79 -5.63 -4.22
N LEU B 147 -1.84 -4.71 -4.20
CA LEU B 147 -1.16 -4.28 -5.41
C LEU B 147 0.35 -4.40 -5.21
N PHE B 148 1.04 -4.90 -6.23
CA PHE B 148 2.45 -5.21 -6.11
C PHE B 148 3.21 -4.77 -7.35
N VAL B 149 4.26 -3.99 -7.15
CA VAL B 149 5.15 -3.57 -8.22
C VAL B 149 6.38 -4.46 -8.23
N ILE B 150 6.66 -5.04 -9.39
CA ILE B 150 7.77 -5.96 -9.58
C ILE B 150 8.73 -5.44 -10.65
N ASP B 151 10.03 -5.44 -10.34
CA ASP B 151 11.01 -4.90 -11.27
C ASP B 151 11.45 -5.88 -12.37
N LYS B 152 12.44 -5.45 -13.14
CA LYS B 152 12.89 -6.14 -14.34
C LYS B 152 13.74 -7.36 -14.03
N LYS B 153 14.20 -7.51 -12.80
CA LYS B 153 14.83 -8.77 -12.43
C LYS B 153 13.87 -9.55 -11.57
N GLY B 154 12.64 -9.03 -11.44
CA GLY B 154 11.57 -9.75 -10.78
C GLY B 154 11.51 -9.75 -9.26
N THR B 155 12.09 -8.74 -8.62
CA THR B 155 12.02 -8.61 -7.18
C THR B 155 10.96 -7.59 -6.75
N LEU B 156 10.37 -7.83 -5.59
CA LEU B 156 9.29 -7.01 -5.06
C LEU B 156 9.78 -5.63 -4.64
N ARG B 157 9.17 -4.57 -5.20
CA ARG B 157 9.62 -3.22 -4.91
C ARG B 157 8.60 -2.43 -4.11
N HIS B 158 7.33 -2.79 -4.28
CA HIS B 158 6.25 -2.10 -3.61
C HIS B 158 5.08 -3.02 -3.32
N SER B 159 4.37 -2.77 -2.21
CA SER B 159 3.14 -3.49 -1.92
C SER B 159 2.11 -2.62 -1.21
N THR B 160 1.03 -2.31 -1.91
CA THR B 160 -0.13 -1.67 -1.32
C THR B 160 -1.13 -2.75 -0.95
N ILE B 161 -1.65 -2.73 0.28
CA ILE B 161 -2.71 -3.65 0.63
C ILE B 161 -3.82 -2.88 1.34
N ASN B 162 -5.02 -2.90 0.77
CA ASN B 162 -6.14 -2.21 1.36
C ASN B 162 -7.16 -3.16 1.90
N ASP B 163 -7.91 -2.68 2.89
CA ASP B 163 -9.09 -3.39 3.29
C ASP B 163 -10.08 -3.26 2.14
N LEU B 164 -10.96 -4.26 2.03
CA LEU B 164 -11.87 -4.38 0.91
C LEU B 164 -12.64 -3.12 0.49
N PRO B 165 -13.14 -2.33 1.46
CA PRO B 165 -13.98 -1.22 1.01
C PRO B 165 -13.31 -0.09 0.21
N VAL B 166 -11.97 -0.02 0.22
CA VAL B 166 -11.28 1.09 -0.44
C VAL B 166 -10.46 0.68 -1.67
N GLY B 167 -10.82 1.26 -2.82
CA GLY B 167 -10.11 0.99 -4.08
C GLY B 167 -8.78 1.69 -4.24
N ARG B 168 -8.09 1.39 -5.33
CA ARG B 168 -6.72 1.87 -5.59
C ARG B 168 -6.67 2.90 -6.72
N ASN B 169 -5.62 3.71 -6.74
CA ASN B 169 -5.50 4.81 -7.69
C ASN B 169 -4.42 4.60 -8.75
N VAL B 170 -4.81 4.70 -10.03
CA VAL B 170 -3.90 4.45 -11.13
C VAL B 170 -2.74 5.45 -11.19
N ASP B 171 -3.05 6.73 -10.98
CA ASP B 171 -2.03 7.78 -10.96
C ASP B 171 -0.90 7.51 -9.97
N GLU B 172 -1.27 7.09 -8.77
CA GLU B 172 -0.31 6.74 -7.72
C GLU B 172 0.60 5.58 -8.13
N VAL B 173 0.00 4.57 -8.76
CA VAL B 173 0.75 3.42 -9.23
C VAL B 173 1.76 3.87 -10.28
N LEU B 174 1.30 4.70 -11.21
CA LEU B 174 2.19 5.23 -12.24
C LEU B 174 3.38 5.99 -11.64
N ARG B 175 3.08 6.83 -10.64
CA ARG B 175 4.12 7.56 -9.93
C ARG B 175 5.15 6.61 -9.32
N VAL B 176 4.64 5.60 -8.62
CA VAL B 176 5.52 4.64 -7.96
C VAL B 176 6.42 3.91 -8.97
N VAL B 177 5.83 3.48 -10.08
CA VAL B 177 6.59 2.74 -11.09
C VAL B 177 7.70 3.58 -11.74
N GLU B 178 7.36 4.79 -12.17
CA GLU B 178 8.36 5.64 -12.80
C GLU B 178 9.43 6.08 -11.79
N ALA B 179 9.03 6.25 -10.52
CA ALA B 179 10.01 6.57 -9.48
C ALA B 179 11.01 5.43 -9.36
N PHE B 180 10.49 4.20 -9.30
CA PHE B 180 11.37 3.04 -9.24
C PHE B 180 12.28 2.94 -10.45
N GLN B 181 11.77 3.26 -11.63
CA GLN B 181 12.57 3.24 -12.85
C GLN B 181 13.73 4.26 -12.80
N TYR B 182 13.41 5.49 -12.39
CA TYR B 182 14.42 6.52 -12.32
C TYR B 182 15.49 6.11 -11.33
N ALA B 183 15.07 5.48 -10.24
CA ALA B 183 16.01 4.94 -9.26
C ALA B 183 16.93 3.89 -9.88
N ASP B 184 16.32 2.90 -10.56
CA ASP B 184 17.04 1.81 -11.20
C ASP B 184 18.05 2.30 -12.23
N GLU B 185 17.79 3.45 -12.82
CA GLU B 185 18.77 4.06 -13.73
C GLU B 185 19.85 4.84 -12.99
N ASN B 186 19.44 5.61 -11.99
CA ASN B 186 20.36 6.42 -11.20
C ASN B 186 20.83 5.72 -9.93
#